data_5F8Y
#
_entry.id   5F8Y
#
_cell.length_a   53.022
_cell.length_b   71.482
_cell.length_c   94.065
_cell.angle_alpha   90.00
_cell.angle_beta   90.00
_cell.angle_gamma   90.00
#
_symmetry.space_group_name_H-M   'P 21 21 21'
#
loop_
_entity.id
_entity.type
_entity.pdbx_description
1 polymer 'GalNAc/Gal-specific lectin'
2 non-polymer 2-amino-2-deoxy-alpha-D-galactopyranose
3 non-polymer GLYCEROL
4 water water
#
_entity_poly.entity_id   1
_entity_poly.type   'polypeptide(L)'
_entity_poly.pdbx_seq_one_letter_code
;MTTFLIKHKASGKFLHPYGGSSNPANNTKLVLHSDIHERMYFQFDVVDERWGYIKHVASGKIVHPYGGQANPPNETNMVL
HQDRHDRALFAMDFFNDNIMHKGGKYIHPKGGSPNPPNNTETVIHGDKHAAMEFIFVSPKNKDKRVLVYAHHHHHH
;
_entity_poly.pdbx_strand_id   A,B
#
loop_
_chem_comp.id
_chem_comp.type
_chem_comp.name
_chem_comp.formula
GOL non-polymer GLYCEROL 'C3 H8 O3'
X6X D-saccharide, alpha linking 2-amino-2-deoxy-alpha-D-galactopyranose 'C6 H13 N O5'
#
# COMPACT_ATOMS: atom_id res chain seq x y z
N THR A 2 9.26 2.56 10.74
CA THR A 2 8.77 3.98 10.71
C THR A 2 7.74 4.14 11.82
N THR A 3 7.91 5.17 12.62
CA THR A 3 6.94 5.54 13.65
C THR A 3 5.94 6.51 13.05
N PHE A 4 4.68 6.35 13.41
CA PHE A 4 3.62 7.16 12.84
C PHE A 4 2.49 7.38 13.83
N LEU A 5 1.66 8.37 13.50
CA LEU A 5 0.40 8.63 14.19
C LEU A 5 -0.71 8.09 13.32
N ILE A 6 -1.72 7.47 13.94
CA ILE A 6 -2.90 6.99 13.23
C ILE A 6 -3.96 8.04 13.35
N LYS A 7 -4.20 8.73 12.24
CA LYS A 7 -5.05 9.92 12.25
C LYS A 7 -6.40 9.60 11.58
N HIS A 8 -7.48 9.77 12.35
CA HIS A 8 -8.82 9.70 11.82
C HIS A 8 -9.02 10.83 10.83
N LYS A 9 -9.28 10.49 9.59
CA LYS A 9 -9.16 11.46 8.50
C LYS A 9 -10.21 12.56 8.62
N ALA A 10 -11.44 12.17 8.95
CA ALA A 10 -12.54 13.14 8.96
C ALA A 10 -12.44 14.16 10.13
N SER A 11 -11.89 13.72 11.26
CA SER A 11 -11.83 14.57 12.47
C SER A 11 -10.48 15.15 12.80
N GLY A 12 -9.41 14.49 12.37
CA GLY A 12 -8.10 14.88 12.77
C GLY A 12 -7.68 14.40 14.13
N LYS A 13 -8.52 13.61 14.81
CA LYS A 13 -8.13 13.00 16.04
C LYS A 13 -7.30 11.77 15.74
N PHE A 14 -6.65 11.25 16.78
CA PHE A 14 -5.68 10.17 16.64
C PHE A 14 -6.08 8.97 17.49
N LEU A 15 -5.57 7.78 17.09
CA LEU A 15 -5.75 6.58 17.92
C LEU A 15 -4.85 6.63 19.14
N HIS A 16 -5.44 6.40 20.33
CA HIS A 16 -4.75 6.40 21.63
C HIS A 16 -5.20 5.19 22.45
N PRO A 17 -4.31 4.65 23.31
CA PRO A 17 -4.86 3.82 24.36
C PRO A 17 -5.65 4.70 25.35
N TYR A 18 -6.81 4.24 25.78
CA TYR A 18 -7.60 5.01 26.74
C TYR A 18 -6.77 5.26 27.98
N GLY A 19 -6.66 6.53 28.37
CA GLY A 19 -5.80 6.87 29.51
C GLY A 19 -4.39 7.28 29.19
N GLY A 20 -3.93 6.98 27.97
CA GLY A 20 -2.65 7.45 27.52
C GLY A 20 -1.45 6.96 28.25
N SER A 21 -1.49 5.74 28.77
CA SER A 21 -0.35 5.17 29.50
C SER A 21 0.80 4.75 28.59
N SER A 22 2.03 4.86 29.12
CA SER A 22 3.20 4.26 28.49
C SER A 22 3.14 2.73 28.50
N ASN A 23 2.38 2.17 29.43
CA ASN A 23 2.23 0.72 29.57
C ASN A 23 0.79 0.34 29.91
N PRO A 24 -0.10 0.48 28.90
CA PRO A 24 -1.49 0.12 29.14
C PRO A 24 -1.62 -1.37 29.47
N ALA A 25 -2.51 -1.72 30.41
CA ALA A 25 -2.76 -3.13 30.70
C ALA A 25 -3.32 -3.83 29.47
N ASN A 26 -3.12 -5.13 29.39
CA ASN A 26 -3.87 -5.95 28.42
C ASN A 26 -5.36 -5.64 28.42
N ASN A 27 -5.92 -5.54 27.22
CA ASN A 27 -7.31 -5.26 27.00
C ASN A 27 -7.73 -3.81 27.28
N THR A 28 -6.76 -2.90 27.39
CA THR A 28 -7.11 -1.47 27.40
C THR A 28 -7.73 -1.08 26.05
N LYS A 29 -8.83 -0.33 26.09
CA LYS A 29 -9.51 0.08 24.88
C LYS A 29 -8.69 1.11 24.11
N LEU A 30 -8.82 1.04 22.78
CA LEU A 30 -8.29 2.08 21.91
C LEU A 30 -9.39 3.07 21.55
N VAL A 31 -9.08 4.35 21.71
CA VAL A 31 -10.04 5.43 21.53
C VAL A 31 -9.45 6.48 20.58
N LEU A 32 -10.27 7.44 20.19
CA LEU A 32 -9.79 8.60 19.45
C LEU A 32 -9.63 9.75 20.41
N HIS A 33 -8.56 10.54 20.20
CA HIS A 33 -8.28 11.70 21.08
C HIS A 33 -7.41 12.70 20.31
N SER A 34 -7.67 13.99 20.52
CA SER A 34 -7.01 15.06 19.78
C SER A 34 -5.51 15.26 20.15
N ASP A 35 -5.07 14.77 21.31
CA ASP A 35 -3.69 15.02 21.81
C ASP A 35 -2.66 14.23 21.00
N ILE A 36 -1.46 14.79 20.93
CA ILE A 36 -0.32 14.10 20.33
C ILE A 36 0.73 14.00 21.42
N HIS A 37 1.28 12.80 21.61
CA HIS A 37 2.38 12.57 22.55
C HIS A 37 2.94 11.18 22.31
N GLU A 38 4.03 10.80 23.00
CA GLU A 38 4.71 9.57 22.63
C GLU A 38 3.89 8.32 22.91
N ARG A 39 2.89 8.41 23.78
CA ARG A 39 2.08 7.24 24.12
C ARG A 39 0.93 7.00 23.13
N MET A 40 0.93 7.74 22.03
CA MET A 40 0.01 7.45 20.93
C MET A 40 0.73 7.21 19.58
N TYR A 41 2.04 6.96 19.68
CA TYR A 41 2.86 6.57 18.53
C TYR A 41 2.69 5.08 18.24
N PHE A 42 2.63 4.73 16.95
CA PHE A 42 2.56 3.35 16.49
C PHE A 42 3.66 3.04 15.50
N GLN A 43 3.92 1.75 15.36
CA GLN A 43 4.76 1.21 14.30
C GLN A 43 3.97 0.02 13.70
N PHE A 44 4.36 -0.43 12.51
CA PHE A 44 3.74 -1.55 11.87
C PHE A 44 4.79 -2.61 11.62
N ASP A 45 4.54 -3.79 12.17
CA ASP A 45 5.46 -4.91 12.06
C ASP A 45 4.90 -5.89 11.02
N VAL A 46 5.55 -5.96 9.87
CA VAL A 46 5.05 -6.76 8.76
C VAL A 46 5.24 -8.24 9.07
N VAL A 47 4.20 -9.02 8.86
CA VAL A 47 4.25 -10.47 9.06
C VAL A 47 4.18 -11.19 7.71
N ASP A 48 3.26 -10.78 6.85
CA ASP A 48 3.09 -11.44 5.56
C ASP A 48 2.53 -10.46 4.55
N GLU A 49 3.45 -9.86 3.80
CA GLU A 49 3.13 -8.92 2.74
C GLU A 49 2.35 -7.72 3.32
N ARG A 50 1.06 -7.58 2.99
CA ARG A 50 0.28 -6.47 3.53
C ARG A 50 -0.06 -6.65 5.02
N TRP A 51 -0.05 -7.88 5.52
CA TRP A 51 -0.55 -8.19 6.85
C TRP A 51 0.54 -8.01 7.90
N GLY A 52 0.17 -7.41 9.03
CA GLY A 52 1.11 -7.20 10.12
C GLY A 52 0.45 -6.78 11.40
N TYR A 53 1.29 -6.45 12.36
CA TYR A 53 0.82 -6.04 13.68
C TYR A 53 0.94 -4.53 13.86
N ILE A 54 -0.12 -3.92 14.40
CA ILE A 54 -0.10 -2.48 14.70
C ILE A 54 0.36 -2.35 16.13
N LYS A 55 1.60 -1.88 16.29
CA LYS A 55 2.27 -1.90 17.58
C LYS A 55 2.32 -0.55 18.26
N HIS A 56 1.81 -0.49 19.48
CA HIS A 56 1.93 0.67 20.35
C HIS A 56 3.38 0.80 20.79
N VAL A 57 4.06 1.85 20.36
CA VAL A 57 5.51 1.90 20.54
C VAL A 57 5.91 1.90 22.02
N ALA A 58 5.22 2.69 22.83
CA ALA A 58 5.62 2.85 24.24
C ALA A 58 5.59 1.52 25.02
N SER A 59 4.61 0.67 24.72
CA SER A 59 4.43 -0.59 25.49
C SER A 59 4.84 -1.86 24.75
N GLY A 60 4.89 -1.79 23.40
CA GLY A 60 5.12 -2.96 22.59
C GLY A 60 3.88 -3.87 22.45
N LYS A 61 2.77 -3.54 23.09
CA LYS A 61 1.53 -4.27 22.88
C LYS A 61 0.98 -3.89 21.50
N ILE A 62 0.13 -4.75 20.96
CA ILE A 62 -0.43 -4.54 19.63
C ILE A 62 -1.95 -4.46 19.65
N VAL A 63 -2.51 -3.99 18.55
CA VAL A 63 -3.97 -3.85 18.38
C VAL A 63 -4.61 -5.24 18.14
N HIS A 64 -5.66 -5.54 18.90
CA HIS A 64 -6.49 -6.74 18.78
C HIS A 64 -7.98 -6.36 18.76
N PRO A 65 -8.81 -7.16 18.08
CA PRO A 65 -10.21 -7.19 18.46
C PRO A 65 -10.37 -7.85 19.84
N TYR A 66 -11.20 -7.28 20.70
CA TYR A 66 -11.36 -7.80 22.05
C TYR A 66 -11.90 -9.23 22.02
N GLY A 67 -11.13 -10.16 22.56
CA GLY A 67 -11.45 -11.57 22.47
C GLY A 67 -10.70 -12.33 21.36
N GLY A 68 -9.97 -11.64 20.48
CA GLY A 68 -9.09 -12.31 19.53
C GLY A 68 -9.76 -13.16 18.45
N GLN A 69 -10.86 -12.66 17.91
CA GLN A 69 -11.59 -13.37 16.88
C GLN A 69 -10.90 -13.25 15.52
N ALA A 70 -10.99 -14.30 14.73
CA ALA A 70 -10.56 -14.22 13.32
C ALA A 70 -11.57 -13.41 12.51
N ASN A 71 -12.83 -13.48 12.90
CA ASN A 71 -13.93 -12.78 12.20
C ASN A 71 -14.77 -12.02 13.23
N PRO A 72 -14.16 -10.98 13.84
CA PRO A 72 -14.88 -10.28 14.92
C PRO A 72 -16.19 -9.71 14.39
N PRO A 73 -17.28 -9.84 15.16
CA PRO A 73 -18.53 -9.17 14.76
C PRO A 73 -18.45 -7.67 14.76
N ASN A 74 -19.30 -7.03 13.96
CA ASN A 74 -19.51 -5.62 14.08
C ASN A 74 -19.69 -5.21 15.56
N GLU A 75 -19.05 -4.09 15.90
CA GLU A 75 -19.04 -3.45 17.20
C GLU A 75 -18.08 -4.09 18.22
N THR A 76 -17.29 -5.08 17.79
CA THR A 76 -16.26 -5.59 18.64
C THR A 76 -15.29 -4.48 18.99
N ASN A 77 -14.99 -4.30 20.27
CA ASN A 77 -14.02 -3.25 20.67
C ASN A 77 -12.60 -3.54 20.21
N MET A 78 -11.87 -2.49 19.83
CA MET A 78 -10.44 -2.59 19.63
C MET A 78 -9.73 -2.33 20.96
N VAL A 79 -8.73 -3.15 21.22
CA VAL A 79 -7.95 -3.04 22.44
C VAL A 79 -6.50 -3.29 22.13
N LEU A 80 -5.64 -2.98 23.09
CA LEU A 80 -4.24 -3.42 23.06
C LEU A 80 -4.04 -4.72 23.84
N HIS A 81 -3.13 -5.56 23.36
CA HIS A 81 -2.80 -6.82 24.04
C HIS A 81 -1.40 -7.26 23.60
N GLN A 82 -0.68 -7.86 24.52
CA GLN A 82 0.68 -8.36 24.29
C GLN A 82 0.79 -9.50 23.27
N ASP A 83 -0.27 -10.31 23.12
CA ASP A 83 -0.17 -11.50 22.31
C ASP A 83 0.01 -11.16 20.82
N ARG A 84 0.68 -12.06 20.12
CA ARG A 84 0.89 -11.99 18.67
C ARG A 84 0.32 -13.22 18.02
N HIS A 85 -0.71 -13.03 17.18
CA HIS A 85 -1.30 -14.14 16.48
C HIS A 85 -2.07 -13.65 15.28
N ASP A 86 -2.58 -14.59 14.49
CA ASP A 86 -3.17 -14.24 13.23
C ASP A 86 -4.48 -13.45 13.37
N ARG A 87 -5.10 -13.44 14.56
CA ARG A 87 -6.31 -12.67 14.79
C ARG A 87 -6.03 -11.20 15.14
N ALA A 88 -4.76 -10.85 15.25
CA ALA A 88 -4.31 -9.47 15.45
C ALA A 88 -3.57 -8.97 14.22
N LEU A 89 -3.79 -9.61 13.06
CA LEU A 89 -3.26 -9.11 11.80
C LEU A 89 -4.18 -8.06 11.17
N PHE A 90 -3.57 -6.97 10.72
CA PHE A 90 -4.26 -5.89 9.98
C PHE A 90 -3.44 -5.53 8.74
N ALA A 91 -4.10 -4.84 7.83
CA ALA A 91 -3.46 -4.24 6.69
C ALA A 91 -3.70 -2.75 6.75
N MET A 92 -2.63 -1.99 6.48
CA MET A 92 -2.72 -0.51 6.58
C MET A 92 -2.89 0.01 5.15
N ASP A 93 -4.16 0.15 4.73
CA ASP A 93 -4.45 0.49 3.35
C ASP A 93 -4.31 1.98 3.14
N PHE A 94 -3.12 2.37 2.72
CA PHE A 94 -2.80 3.79 2.53
C PHE A 94 -3.21 4.36 1.18
N PHE A 95 -3.82 3.52 0.35
CA PHE A 95 -4.42 3.92 -0.91
C PHE A 95 -5.91 4.24 -0.77
N ASN A 96 -6.66 3.35 -0.13
CA ASN A 96 -8.07 3.62 0.18
C ASN A 96 -8.30 4.32 1.52
N ASP A 97 -7.21 4.49 2.28
CA ASP A 97 -7.18 5.16 3.60
C ASP A 97 -8.08 4.44 4.61
N ASN A 98 -7.78 3.18 4.88
CA ASN A 98 -8.45 2.49 5.97
C ASN A 98 -7.54 1.46 6.59
N ILE A 99 -7.98 0.89 7.73
CA ILE A 99 -7.26 -0.16 8.41
C ILE A 99 -8.17 -1.37 8.44
N MET A 100 -7.76 -2.43 7.74
CA MET A 100 -8.56 -3.65 7.59
C MET A 100 -8.00 -4.76 8.47
N HIS A 101 -8.88 -5.36 9.26
CA HIS A 101 -8.56 -6.56 10.02
C HIS A 101 -8.53 -7.77 9.08
N LYS A 102 -7.78 -8.81 9.46
CA LYS A 102 -7.63 -10.01 8.62
C LYS A 102 -8.97 -10.63 8.17
N GLY A 103 -10.01 -10.50 9.00
CA GLY A 103 -11.34 -11.02 8.68
C GLY A 103 -12.11 -10.18 7.68
N GLY A 104 -11.54 -9.05 7.26
CA GLY A 104 -12.17 -8.23 6.23
C GLY A 104 -12.94 -7.00 6.64
N LYS A 105 -13.12 -6.81 7.95
CA LYS A 105 -13.79 -5.61 8.44
C LYS A 105 -12.73 -4.54 8.78
N TYR A 106 -13.21 -3.37 9.15
CA TYR A 106 -12.36 -2.19 9.34
C TYR A 106 -12.42 -1.62 10.75
N ILE A 107 -11.42 -0.81 11.13
CA ILE A 107 -11.49 -0.03 12.33
C ILE A 107 -12.36 1.20 12.08
N HIS A 108 -13.33 1.40 12.98
CA HIS A 108 -14.24 2.56 12.97
C HIS A 108 -14.23 3.28 14.34
N PRO A 109 -14.54 4.57 14.37
CA PRO A 109 -15.06 5.12 15.65
C PRO A 109 -16.45 4.50 15.91
N LYS A 110 -16.69 4.15 17.18
CA LYS A 110 -17.96 3.58 17.55
C LYS A 110 -19.05 4.63 17.26
N GLY A 111 -20.04 4.21 16.46
CA GLY A 111 -21.07 5.04 15.99
C GLY A 111 -20.88 5.79 14.67
N GLY A 112 -19.68 5.77 14.11
CA GLY A 112 -19.46 6.29 12.77
C GLY A 112 -19.53 7.81 12.56
N SER A 113 -19.23 8.62 13.59
CA SER A 113 -19.27 10.04 13.46
C SER A 113 -18.07 10.56 12.70
N PRO A 114 -18.30 11.56 11.84
CA PRO A 114 -17.15 12.22 11.22
C PRO A 114 -16.35 13.07 12.20
N ASN A 115 -16.95 13.40 13.34
CA ASN A 115 -16.25 14.17 14.36
C ASN A 115 -16.53 13.64 15.74
N PRO A 116 -15.97 12.43 16.03
CA PRO A 116 -16.24 11.81 17.33
C PRO A 116 -15.57 12.64 18.44
N PRO A 117 -16.21 12.75 19.63
CA PRO A 117 -15.56 13.47 20.72
C PRO A 117 -14.38 12.68 21.29
N ASN A 118 -13.49 13.38 21.96
CA ASN A 118 -12.39 12.75 22.64
C ASN A 118 -12.90 11.59 23.49
N ASN A 119 -12.08 10.55 23.47
CA ASN A 119 -12.29 9.28 24.14
C ASN A 119 -13.38 8.39 23.57
N THR A 120 -13.84 8.69 22.35
CA THR A 120 -14.71 7.75 21.66
C THR A 120 -13.98 6.44 21.40
N GLU A 121 -14.64 5.33 21.75
CA GLU A 121 -14.11 3.99 21.53
C GLU A 121 -14.03 3.69 20.04
N THR A 122 -13.02 2.90 19.68
CA THR A 122 -12.97 2.32 18.34
C THR A 122 -13.42 0.86 18.37
N VAL A 123 -14.04 0.46 17.25
CA VAL A 123 -14.61 -0.87 17.06
C VAL A 123 -14.36 -1.40 15.63
N ILE A 124 -14.52 -2.69 15.46
CA ILE A 124 -14.62 -3.34 14.18
C ILE A 124 -15.98 -3.06 13.57
N HIS A 125 -16.01 -2.76 12.28
CA HIS A 125 -17.28 -2.71 11.54
C HIS A 125 -17.00 -2.92 10.05
N GLY A 126 -17.89 -3.64 9.39
CA GLY A 126 -17.68 -3.93 7.97
C GLY A 126 -17.96 -2.79 7.00
N ASP A 127 -18.66 -1.76 7.44
CA ASP A 127 -19.06 -0.68 6.53
C ASP A 127 -17.82 0.12 6.06
N LYS A 128 -17.96 0.69 4.88
CA LYS A 128 -16.97 1.59 4.32
C LYS A 128 -17.67 2.92 4.07
N HIS A 129 -17.07 4.00 4.57
CA HIS A 129 -17.57 5.36 4.39
C HIS A 129 -16.51 6.33 4.88
N ALA A 130 -16.80 7.62 4.77
CA ALA A 130 -15.79 8.61 4.99
C ALA A 130 -15.30 8.67 6.46
N ALA A 131 -16.16 8.28 7.39
CA ALA A 131 -15.87 8.36 8.82
C ALA A 131 -15.09 7.15 9.35
N MET A 132 -14.74 6.22 8.47
CA MET A 132 -13.83 5.15 8.88
C MET A 132 -12.48 5.22 8.21
N GLU A 133 -12.17 6.36 7.58
CA GLU A 133 -10.91 6.52 6.90
C GLU A 133 -9.85 6.98 7.89
N PHE A 134 -8.64 6.44 7.72
CA PHE A 134 -7.48 6.81 8.51
C PHE A 134 -6.28 7.07 7.60
N ILE A 135 -5.44 8.02 7.99
CA ILE A 135 -4.17 8.28 7.33
C ILE A 135 -3.05 8.18 8.38
N PHE A 136 -1.82 7.94 7.91
CA PHE A 136 -0.70 7.57 8.77
C PHE A 136 0.35 8.64 8.58
N VAL A 137 0.60 9.41 9.64
CA VAL A 137 1.33 10.66 9.52
C VAL A 137 2.57 10.73 10.41
N SER A 138 3.47 11.66 10.06
CA SER A 138 4.70 11.84 10.80
C SER A 138 4.43 12.34 12.23
N PRO A 139 5.16 11.81 13.22
CA PRO A 139 5.10 12.39 14.56
C PRO A 139 5.61 13.84 14.62
N LYS A 140 6.35 14.28 13.59
CA LYS A 140 6.83 15.66 13.51
C LYS A 140 5.99 16.57 12.62
N ASN A 141 4.99 16.00 11.97
CA ASN A 141 4.14 16.77 11.09
C ASN A 141 2.88 16.00 10.82
N LYS A 142 1.84 16.35 11.55
CA LYS A 142 0.57 15.62 11.55
C LYS A 142 -0.19 15.71 10.23
N ASP A 143 0.28 16.54 9.30
CA ASP A 143 -0.28 16.62 7.94
C ASP A 143 0.55 15.91 6.87
N LYS A 144 1.67 15.32 7.26
CA LYS A 144 2.57 14.64 6.31
C LYS A 144 2.44 13.12 6.41
N ARG A 145 1.89 12.51 5.34
CA ARG A 145 1.80 11.05 5.33
C ARG A 145 3.20 10.45 5.29
N VAL A 146 3.36 9.35 6.01
CA VAL A 146 4.55 8.56 6.00
C VAL A 146 4.27 7.10 5.61
N LEU A 147 5.30 6.48 5.05
CA LEU A 147 5.21 5.07 4.65
C LEU A 147 5.34 4.16 5.87
N VAL A 148 4.27 3.41 6.18
CA VAL A 148 4.26 2.54 7.35
C VAL A 148 4.88 1.18 7.08
N TYR A 149 5.00 0.82 5.81
CA TYR A 149 5.62 -0.42 5.36
C TYR A 149 7.10 -0.09 5.06
N ALA A 150 7.88 0.12 6.05
CA ALA A 150 9.24 0.52 5.76
C ALA A 150 10.11 -0.23 6.72
N THR B 2 13.24 -5.27 -2.05
CA THR B 2 12.64 -6.54 -2.46
C THR B 2 12.58 -6.62 -3.99
N THR B 3 13.04 -7.74 -4.55
CA THR B 3 12.92 -7.99 -6.00
C THR B 3 11.61 -8.71 -6.27
N PHE B 4 10.92 -8.29 -7.33
CA PHE B 4 9.62 -8.82 -7.66
C PHE B 4 9.39 -8.88 -9.17
N LEU B 5 8.38 -9.64 -9.53
CA LEU B 5 7.85 -9.70 -10.90
C LEU B 5 6.58 -8.87 -10.90
N ILE B 6 6.37 -8.15 -11.98
CA ILE B 6 5.15 -7.37 -12.20
C ILE B 6 4.24 -8.19 -13.07
N LYS B 7 3.21 -8.79 -12.44
CA LYS B 7 2.33 -9.73 -13.07
C LYS B 7 1.00 -9.11 -13.43
N HIS B 8 0.67 -9.15 -14.72
CA HIS B 8 -0.63 -8.72 -15.21
C HIS B 8 -1.67 -9.72 -14.71
N LYS B 9 -2.60 -9.24 -13.92
CA LYS B 9 -3.41 -10.12 -13.12
C LYS B 9 -4.31 -10.99 -14.01
N ALA B 10 -4.90 -10.38 -15.03
CA ALA B 10 -5.87 -11.11 -15.86
C ALA B 10 -5.25 -12.21 -16.71
N SER B 11 -4.01 -12.00 -17.18
CA SER B 11 -3.37 -12.95 -18.12
C SER B 11 -2.33 -13.83 -17.49
N GLY B 12 -1.78 -13.37 -16.37
CA GLY B 12 -0.58 -13.97 -15.83
C GLY B 12 0.72 -13.70 -16.53
N LYS B 13 0.72 -12.86 -17.54
CA LYS B 13 1.97 -12.44 -18.19
C LYS B 13 2.66 -11.39 -17.30
N PHE B 14 3.91 -11.06 -17.62
CA PHE B 14 4.74 -10.17 -16.80
C PHE B 14 5.23 -8.96 -17.60
N LEU B 15 5.57 -7.88 -16.90
CA LEU B 15 6.19 -6.74 -17.54
C LEU B 15 7.66 -7.06 -17.87
N HIS B 16 8.07 -6.79 -19.11
CA HIS B 16 9.41 -7.05 -19.61
C HIS B 16 9.86 -5.82 -20.41
N PRO B 17 11.18 -5.57 -20.48
CA PRO B 17 11.68 -4.74 -21.59
C PRO B 17 11.47 -5.48 -22.92
N TYR B 18 11.02 -4.79 -23.97
CA TYR B 18 10.88 -5.44 -25.29
C TYR B 18 12.25 -5.95 -25.68
N GLY B 19 12.34 -7.26 -25.97
CA GLY B 19 13.61 -7.92 -26.31
C GLY B 19 14.40 -8.48 -25.15
N GLY B 20 13.98 -8.17 -23.92
CA GLY B 20 14.55 -8.79 -22.75
C GLY B 20 15.96 -8.40 -22.39
N SER B 21 16.44 -7.26 -22.90
CA SER B 21 17.86 -6.92 -22.73
C SER B 21 18.27 -6.70 -21.24
N SER B 22 19.45 -7.17 -20.88
CA SER B 22 20.09 -6.81 -19.62
C SER B 22 20.51 -5.36 -19.54
N ASN B 23 20.62 -4.67 -20.69
CA ASN B 23 20.91 -3.23 -20.71
C ASN B 23 20.16 -2.58 -21.86
N PRO B 24 18.84 -2.48 -21.70
CA PRO B 24 18.04 -1.89 -22.75
C PRO B 24 18.42 -0.44 -23.01
N ALA B 25 18.41 -0.05 -24.27
CA ALA B 25 18.62 1.38 -24.62
C ALA B 25 17.51 2.24 -24.01
N ASN B 26 17.82 3.50 -23.72
CA ASN B 26 16.79 4.44 -23.34
C ASN B 26 15.66 4.40 -24.34
N ASN B 27 14.44 4.50 -23.81
CA ASN B 27 13.20 4.49 -24.57
C ASN B 27 12.80 3.12 -25.13
N THR B 28 13.44 2.06 -24.67
CA THR B 28 12.95 0.70 -24.97
C THR B 28 11.56 0.55 -24.36
N LYS B 29 10.63 0.05 -25.17
CA LYS B 29 9.27 -0.17 -24.71
C LYS B 29 9.16 -1.28 -23.68
N LEU B 30 8.20 -1.12 -22.79
CA LEU B 30 7.84 -2.15 -21.82
C LEU B 30 6.60 -2.87 -22.33
N VAL B 31 6.72 -4.20 -22.39
CA VAL B 31 5.69 -5.09 -22.94
C VAL B 31 5.29 -6.13 -21.92
N LEU B 32 4.26 -6.88 -22.23
CA LEU B 32 3.83 -8.03 -21.46
C LEU B 32 4.32 -9.30 -22.16
N HIS B 33 4.89 -10.21 -21.39
CA HIS B 33 5.37 -11.50 -21.93
C HIS B 33 5.31 -12.56 -20.84
N SER B 34 5.04 -13.80 -21.27
CA SER B 34 4.87 -14.91 -20.37
C SER B 34 6.14 -15.41 -19.66
N ASP B 35 7.31 -15.17 -20.22
CA ASP B 35 8.55 -15.76 -19.71
C ASP B 35 8.96 -15.11 -18.41
N ILE B 36 9.72 -15.88 -17.64
CA ILE B 36 10.36 -15.43 -16.44
C ILE B 36 11.87 -15.61 -16.57
N HIS B 37 12.61 -14.53 -16.25
CA HIS B 37 14.07 -14.54 -16.24
C HIS B 37 14.55 -13.25 -15.53
N GLU B 38 15.86 -13.20 -15.25
CA GLU B 38 16.41 -12.16 -14.47
C GLU B 38 16.27 -10.75 -15.06
N ARG B 39 16.10 -10.65 -16.38
CA ARG B 39 15.97 -9.35 -17.06
C ARG B 39 14.53 -8.86 -17.07
N MET B 40 13.64 -9.52 -16.31
CA MET B 40 12.31 -8.93 -16.10
C MET B 40 12.01 -8.80 -14.60
N TYR B 41 13.07 -8.87 -13.78
CA TYR B 41 12.99 -8.53 -12.37
C TYR B 41 12.99 -7.01 -12.15
N PHE B 42 12.12 -6.57 -11.24
CA PHE B 42 12.06 -5.17 -10.84
C PHE B 42 12.23 -4.99 -9.32
N GLN B 43 12.56 -3.75 -8.94
CA GLN B 43 12.58 -3.28 -7.56
C GLN B 43 11.90 -1.93 -7.51
N PHE B 44 11.48 -1.52 -6.33
CA PHE B 44 10.82 -0.24 -6.19
C PHE B 44 11.65 0.62 -5.23
N ASP B 45 12.08 1.78 -5.71
CA ASP B 45 12.91 2.72 -4.92
C ASP B 45 12.03 3.85 -4.44
N VAL B 46 11.71 3.83 -3.14
CA VAL B 46 10.82 4.83 -2.58
C VAL B 46 11.48 6.21 -2.57
N VAL B 47 10.71 7.20 -3.01
CA VAL B 47 11.13 8.60 -3.02
C VAL B 47 10.37 9.42 -2.00
N ASP B 48 9.07 9.25 -1.97
CA ASP B 48 8.21 10.07 -1.11
C ASP B 48 6.97 9.29 -0.76
N GLU B 49 6.98 8.62 0.40
CA GLU B 49 5.86 7.82 0.88
C GLU B 49 5.43 6.79 -0.19
N ARG B 50 4.28 6.96 -0.83
CA ARG B 50 3.84 5.95 -1.82
C ARG B 50 4.61 6.04 -3.14
N TRP B 51 5.21 7.21 -3.40
CA TRP B 51 5.78 7.52 -4.72
C TRP B 51 7.21 7.07 -4.81
N GLY B 52 7.56 6.49 -5.96
CA GLY B 52 8.92 6.02 -6.16
C GLY B 52 9.19 5.66 -7.58
N TYR B 53 10.38 5.10 -7.79
CA TYR B 53 10.82 4.68 -9.10
C TYR B 53 10.71 3.15 -9.21
N ILE B 54 10.17 2.69 -10.34
CA ILE B 54 10.11 1.26 -10.67
C ILE B 54 11.37 0.93 -11.48
N LYS B 55 12.31 0.23 -10.83
CA LYS B 55 13.61 -0.02 -11.40
C LYS B 55 13.79 -1.41 -11.98
N HIS B 56 14.26 -1.45 -13.23
CA HIS B 56 14.65 -2.68 -13.91
C HIS B 56 15.94 -3.13 -13.29
N VAL B 57 15.95 -4.28 -12.61
CA VAL B 57 17.13 -4.64 -11.80
C VAL B 57 18.36 -4.82 -12.69
N ALA B 58 18.20 -5.46 -13.84
CA ALA B 58 19.40 -5.82 -14.65
C ALA B 58 20.19 -4.59 -15.13
N SER B 59 19.47 -3.52 -15.46
CA SER B 59 20.10 -2.32 -16.08
C SER B 59 20.19 -1.14 -15.15
N GLY B 60 19.31 -1.09 -14.14
CA GLY B 60 19.18 0.12 -13.30
C GLY B 60 18.34 1.25 -13.91
N LYS B 61 17.89 1.07 -15.15
CA LYS B 61 16.95 2.01 -15.73
C LYS B 61 15.59 1.89 -15.04
N ILE B 62 14.77 2.92 -15.17
CA ILE B 62 13.48 2.97 -14.49
C ILE B 62 12.35 3.21 -15.50
N VAL B 63 11.15 2.94 -15.08
CA VAL B 63 9.96 3.09 -15.88
C VAL B 63 9.59 4.56 -16.04
N HIS B 64 9.24 4.95 -17.27
CA HIS B 64 8.79 6.30 -17.61
C HIS B 64 7.63 6.22 -18.57
N PRO B 65 6.75 7.22 -18.54
CA PRO B 65 5.96 7.47 -19.71
C PRO B 65 6.85 8.08 -20.81
N TYR B 66 6.71 7.59 -22.04
CA TYR B 66 7.55 8.09 -23.12
C TYR B 66 7.39 9.60 -23.24
N GLY B 67 8.51 10.32 -23.18
CA GLY B 67 8.47 11.80 -23.28
C GLY B 67 8.49 12.50 -21.93
N GLY B 68 8.25 11.76 -20.85
CA GLY B 68 8.42 12.30 -19.49
C GLY B 68 7.51 13.46 -19.15
N GLN B 69 6.28 13.43 -19.65
CA GLN B 69 5.31 14.49 -19.28
C GLN B 69 4.77 14.30 -17.87
N ALA B 70 4.41 15.41 -17.20
CA ALA B 70 3.77 15.33 -15.91
C ALA B 70 2.38 14.73 -16.00
N ASN B 71 1.69 15.04 -17.10
CA ASN B 71 0.32 14.54 -17.38
C ASN B 71 0.26 13.85 -18.75
N PRO B 72 0.91 12.66 -18.86
CA PRO B 72 0.92 11.97 -20.14
C PRO B 72 -0.50 11.64 -20.60
N PRO B 73 -0.80 11.85 -21.89
CA PRO B 73 -2.16 11.50 -22.32
C PRO B 73 -2.36 10.02 -22.43
N ASN B 74 -3.62 9.65 -22.46
CA ASN B 74 -3.97 8.26 -22.70
C ASN B 74 -3.21 7.77 -23.96
N GLU B 75 -2.77 6.50 -23.90
CA GLU B 75 -2.04 5.80 -24.98
C GLU B 75 -0.54 6.10 -25.06
N THR B 76 -0.03 6.94 -24.18
CA THR B 76 1.42 7.18 -24.13
C THR B 76 2.12 5.88 -23.80
N ASN B 77 3.12 5.51 -24.57
CA ASN B 77 3.87 4.28 -24.32
C ASN B 77 4.68 4.32 -23.03
N MET B 78 4.72 3.18 -22.34
CA MET B 78 5.65 3.00 -21.22
C MET B 78 7.00 2.55 -21.77
N VAL B 79 8.08 3.11 -21.22
CA VAL B 79 9.42 2.76 -21.62
C VAL B 79 10.35 2.70 -20.43
N LEU B 80 11.55 2.18 -20.63
CA LEU B 80 12.64 2.36 -19.67
C LEU B 80 13.54 3.53 -20.08
N HIS B 81 14.04 4.22 -19.07
CA HIS B 81 14.95 5.32 -19.28
C HIS B 81 15.83 5.51 -18.05
N GLN B 82 17.10 5.88 -18.27
CA GLN B 82 17.95 6.14 -17.23
CA GLN B 82 18.05 6.11 -17.18
C GLN B 82 17.68 7.29 -16.27
N ASP B 83 16.98 8.28 -16.83
CA ASP B 83 16.74 9.56 -16.10
C ASP B 83 15.89 9.38 -14.83
N ARG B 84 16.22 10.15 -13.80
CA ARG B 84 15.40 10.26 -12.60
C ARG B 84 14.84 11.69 -12.56
N HIS B 85 13.52 11.78 -12.50
CA HIS B 85 12.83 13.04 -12.26
C HIS B 85 11.40 12.74 -11.83
N ASP B 86 10.63 13.78 -11.52
CA ASP B 86 9.34 13.56 -10.89
C ASP B 86 8.28 12.96 -11.82
N ARG B 87 8.56 12.96 -13.12
CA ARG B 87 7.62 12.35 -14.06
C ARG B 87 7.82 10.86 -14.23
N ALA B 88 8.81 10.30 -13.54
CA ALA B 88 9.03 8.88 -13.48
C ALA B 88 8.56 8.31 -12.12
N LEU B 89 7.77 9.10 -11.39
CA LEU B 89 7.21 8.63 -10.12
C LEU B 89 5.93 7.85 -10.34
N PHE B 90 5.88 6.68 -9.64
CA PHE B 90 4.72 5.83 -9.64
C PHE B 90 4.41 5.38 -8.22
N ALA B 91 3.18 4.92 -8.00
CA ALA B 91 2.77 4.27 -6.77
C ALA B 91 2.33 2.85 -7.11
N MET B 92 2.77 1.90 -6.28
CA MET B 92 2.48 0.49 -6.46
C MET B 92 1.31 0.10 -5.56
N ASP B 93 0.09 0.23 -6.10
CA ASP B 93 -1.10 0.08 -5.28
C ASP B 93 -1.46 -1.38 -5.15
N PHE B 94 -0.93 -1.99 -4.10
CA PHE B 94 -1.11 -3.41 -3.85
C PHE B 94 -2.41 -3.72 -3.16
N PHE B 95 -3.24 -2.70 -2.91
CA PHE B 95 -4.57 -2.89 -2.36
C PHE B 95 -5.61 -2.95 -3.46
N ASN B 96 -5.59 -1.96 -4.36
CA ASN B 96 -6.44 -1.97 -5.56
C ASN B 96 -5.84 -2.73 -6.76
N ASP B 97 -4.59 -3.16 -6.61
CA ASP B 97 -3.88 -3.96 -7.62
C ASP B 97 -3.68 -3.17 -8.92
N ASN B 98 -3.07 -2.00 -8.81
CA ASN B 98 -2.70 -1.24 -10.01
C ASN B 98 -1.41 -0.47 -9.82
N ILE B 99 -0.90 0.09 -10.91
CA ILE B 99 0.31 0.92 -10.90
C ILE B 99 -0.09 2.29 -11.44
N MET B 100 -0.01 3.30 -10.58
CA MET B 100 -0.47 4.65 -10.92
C MET B 100 0.73 5.56 -11.11
N HIS B 101 0.72 6.25 -12.24
CA HIS B 101 1.70 7.32 -12.45
C HIS B 101 1.33 8.56 -11.63
N LYS B 102 2.33 9.39 -11.29
CA LYS B 102 2.13 10.60 -10.48
C LYS B 102 1.02 11.51 -11.02
N GLY B 103 0.80 11.52 -12.33
CA GLY B 103 -0.30 12.32 -12.92
C GLY B 103 -1.71 11.77 -12.78
N GLY B 104 -1.84 10.57 -12.21
CA GLY B 104 -3.16 10.02 -11.92
C GLY B 104 -3.64 8.89 -12.80
N LYS B 105 -2.94 8.62 -13.91
CA LYS B 105 -3.35 7.54 -14.81
C LYS B 105 -2.56 6.29 -14.46
N TYR B 106 -2.90 5.17 -15.11
CA TYR B 106 -2.38 3.84 -14.76
C TYR B 106 -1.64 3.19 -15.92
N ILE B 107 -0.86 2.16 -15.59
CA ILE B 107 -0.28 1.31 -16.63
C ILE B 107 -1.32 0.31 -17.09
N HIS B 108 -1.47 0.19 -18.42
CA HIS B 108 -2.42 -0.72 -19.06
C HIS B 108 -1.73 -1.54 -20.17
N PRO B 109 -2.30 -2.70 -20.52
CA PRO B 109 -1.97 -3.31 -21.81
C PRO B 109 -2.61 -2.48 -22.90
N LYS B 110 -1.85 -2.19 -23.96
CA LYS B 110 -2.38 -1.41 -25.06
C LYS B 110 -3.59 -2.11 -25.62
N GLY B 111 -4.70 -1.38 -25.74
CA GLY B 111 -5.93 -1.89 -26.32
C GLY B 111 -6.89 -2.52 -25.32
N GLY B 112 -6.41 -2.80 -24.10
CA GLY B 112 -7.30 -3.23 -23.03
C GLY B 112 -7.66 -4.70 -22.94
N SER B 113 -7.02 -5.56 -23.75
CA SER B 113 -7.29 -6.99 -23.66
C SER B 113 -6.89 -7.60 -22.31
N PRO B 114 -7.77 -8.44 -21.73
CA PRO B 114 -7.35 -9.21 -20.52
C PRO B 114 -6.42 -10.38 -20.83
N ASN B 115 -6.32 -10.79 -22.11
CA ASN B 115 -5.43 -11.90 -22.53
C ASN B 115 -4.61 -11.51 -23.74
N PRO B 116 -3.78 -10.46 -23.58
CA PRO B 116 -3.02 -9.98 -24.71
C PRO B 116 -1.91 -10.93 -25.06
N PRO B 117 -1.52 -10.98 -26.36
CA PRO B 117 -0.42 -11.85 -26.77
C PRO B 117 0.94 -11.39 -26.24
N ASN B 118 1.93 -12.27 -26.26
CA ASN B 118 3.28 -11.86 -25.92
C ASN B 118 3.70 -10.65 -26.77
N ASN B 119 4.45 -9.78 -26.11
CA ASN B 119 5.01 -8.55 -26.69
C ASN B 119 4.01 -7.44 -26.91
N THR B 120 2.83 -7.58 -26.30
CA THR B 120 1.88 -6.46 -26.23
C THR B 120 2.48 -5.28 -25.50
N GLU B 121 2.43 -4.12 -26.12
CA GLU B 121 2.96 -2.88 -25.49
C GLU B 121 2.11 -2.48 -24.29
N THR B 122 2.73 -1.78 -23.34
CA THR B 122 1.98 -1.18 -22.25
C THR B 122 1.96 0.34 -22.46
N VAL B 123 0.87 0.95 -22.02
CA VAL B 123 0.64 2.36 -22.16
C VAL B 123 0.03 2.95 -20.89
N ILE B 124 0.03 4.28 -20.81
CA ILE B 124 -0.69 5.05 -19.80
C ILE B 124 -2.17 5.11 -20.20
N HIS B 125 -3.09 4.90 -19.27
CA HIS B 125 -4.49 5.21 -19.54
C HIS B 125 -5.21 5.48 -18.21
N GLY B 126 -6.15 6.43 -18.22
CA GLY B 126 -6.88 6.78 -16.98
C GLY B 126 -7.91 5.79 -16.49
N ASP B 127 -8.33 4.87 -17.35
CA ASP B 127 -9.42 3.95 -16.99
C ASP B 127 -8.97 2.96 -15.91
N LYS B 128 -9.94 2.55 -15.09
CA LYS B 128 -9.80 1.43 -14.16
C LYS B 128 -10.75 0.30 -14.55
N HIS B 129 -10.20 -0.92 -14.62
CA HIS B 129 -10.93 -2.15 -14.98
C HIS B 129 -10.03 -3.34 -14.71
N ALA B 130 -10.58 -4.54 -14.82
CA ALA B 130 -9.84 -5.76 -14.46
C ALA B 130 -8.60 -5.99 -15.28
N ALA B 131 -8.61 -5.55 -16.52
CA ALA B 131 -7.46 -5.75 -17.40
C ALA B 131 -6.29 -4.79 -17.21
N MET B 132 -6.40 -3.82 -16.28
CA MET B 132 -5.25 -2.99 -15.92
C MET B 132 -4.69 -3.35 -14.53
N GLU B 133 -5.19 -4.44 -13.93
CA GLU B 133 -4.71 -4.84 -12.63
C GLU B 133 -3.39 -5.58 -12.74
N PHE B 134 -2.49 -5.26 -11.80
CA PHE B 134 -1.19 -5.93 -11.65
C PHE B 134 -0.98 -6.34 -10.20
N ILE B 135 -0.27 -7.46 -9.99
CA ILE B 135 0.16 -7.89 -8.68
C ILE B 135 1.66 -8.13 -8.72
N PHE B 136 2.27 -8.13 -7.54
CA PHE B 136 3.72 -8.04 -7.42
C PHE B 136 4.19 -9.24 -6.66
N VAL B 137 4.92 -10.12 -7.35
CA VAL B 137 5.10 -11.50 -6.88
C VAL B 137 6.57 -11.90 -6.81
N SER B 138 6.83 -12.95 -6.04
CA SER B 138 8.16 -13.46 -5.86
C SER B 138 8.77 -14.03 -7.15
N PRO B 139 10.03 -13.70 -7.43
CA PRO B 139 10.71 -14.36 -8.57
C PRO B 139 10.80 -15.87 -8.42
N LYS B 140 10.70 -16.37 -7.19
CA LYS B 140 10.77 -17.82 -6.90
C LYS B 140 9.41 -18.47 -6.80
N ASN B 141 8.34 -17.66 -6.89
CA ASN B 141 6.97 -18.19 -6.82
C ASN B 141 6.03 -17.15 -7.33
N LYS B 142 5.64 -17.32 -8.58
CA LYS B 142 4.86 -16.30 -9.28
C LYS B 142 3.42 -16.20 -8.80
N ASP B 143 3.01 -17.05 -7.86
CA ASP B 143 1.70 -16.89 -7.21
C ASP B 143 1.73 -16.28 -5.81
N LYS B 144 2.94 -15.97 -5.32
CA LYS B 144 3.08 -15.41 -3.98
C LYS B 144 3.37 -13.92 -4.04
N ARG B 145 2.42 -13.12 -3.53
CA ARG B 145 2.60 -11.69 -3.46
C ARG B 145 3.71 -11.38 -2.48
N VAL B 146 4.50 -10.37 -2.83
CA VAL B 146 5.56 -9.87 -1.97
C VAL B 146 5.38 -8.36 -1.79
N LEU B 147 5.88 -7.87 -0.67
CA LEU B 147 5.77 -6.46 -0.31
C LEU B 147 6.87 -5.67 -1.06
N VAL B 148 6.47 -4.76 -1.90
CA VAL B 148 7.43 -4.00 -2.74
C VAL B 148 8.01 -2.78 -2.04
N TYR B 149 7.35 -2.35 -0.96
CA TYR B 149 7.72 -1.14 -0.22
C TYR B 149 8.72 -1.44 0.88
N ALA B 150 9.81 -0.68 0.91
CA ALA B 150 10.82 -0.72 1.99
C ALA B 150 11.65 0.57 2.04
O4 X6X C . -6.33 -11.73 21.34
C4 X6X C . -6.04 -11.61 22.72
C3 X6X C . -5.72 -13.00 23.30
O3 X6X C . -4.71 -13.66 22.60
C2 X6X C . -6.97 -13.85 23.25
N2 X6X C . -6.75 -15.17 23.92
C1 X6X C . -8.14 -13.18 23.93
O1 X6X C . -7.86 -13.07 25.34
O5 X6X C . -8.39 -11.86 23.39
C5 X6X C . -7.23 -10.99 23.49
C6 X6X C . -7.58 -9.67 22.87
O6 X6X C . -8.64 -9.05 23.66
O4 X6X D . -19.60 3.31 11.29
C4 X6X D . -20.43 2.19 11.54
C3 X6X D . -21.77 2.40 10.73
O3 X6X D . -21.49 2.59 9.35
C2 X6X D . -22.51 3.57 11.30
N2 X6X D . -23.80 3.72 10.62
C1 X6X D . -22.72 3.40 12.83
O1 X6X D . -23.61 2.36 13.04
O5 X6X D . -21.48 3.18 13.51
C5 X6X D . -20.75 2.02 13.02
C6 X6X D . -19.48 1.88 13.87
O6 X6X D . -19.82 1.73 15.27
O4 X6X E . -3.87 10.04 25.74
C4 X6X E . -5.03 10.93 25.99
C3 X6X E . -4.54 12.10 26.85
O3 X6X E . -3.44 12.77 26.23
C2 X6X E . -4.12 11.61 28.17
N2 X6X E . -3.68 12.73 29.03
C1 X6X E . -5.28 10.84 28.86
O1 X6X E . -6.31 11.77 29.15
O5 X6X E . -5.74 9.81 27.98
C5 X6X E . -6.20 10.21 26.68
C6 X6X E . -6.66 8.98 25.88
O6 X6X E . -7.78 8.40 26.60
C1 GOL F . -12.58 -11.45 26.05
O1 GOL F . -13.20 -12.49 26.82
C2 GOL F . -11.08 -11.66 26.07
O2 GOL F . -10.86 -13.05 25.93
C3 GOL F . -10.55 -11.18 27.38
O3 GOL F . -9.18 -11.56 27.41
O4 X6X G . -7.18 -0.24 -21.38
C4 X6X G . -7.38 1.12 -21.94
C3 X6X G . -8.85 1.36 -22.06
O3 X6X G . -9.54 1.23 -20.82
C2 X6X G . -9.48 0.35 -23.06
N2 X6X G . -10.91 0.68 -23.19
C1 X6X G . -8.78 0.43 -24.41
O1 X6X G . -9.12 1.67 -24.99
O5 X6X G . -7.34 0.31 -24.24
C5 X6X G . -6.75 1.26 -23.33
C6 X6X G . -5.27 0.96 -23.23
O6 X6X G . -4.68 1.16 -24.54
O4 X6X H . 11.95 -11.12 -22.34
C4 X6X H . 11.14 -11.81 -23.34
C3 X6X H . 11.78 -13.12 -23.73
O3 X6X H . 11.99 -13.91 -22.57
C2 X6X H . 13.14 -12.86 -24.40
N2 X6X H . 13.78 -14.12 -24.80
C1 X6X H . 13.00 -11.90 -25.58
O1 X6X H . 12.31 -12.52 -26.66
O5 X6X H . 12.29 -10.70 -25.24
C5 X6X H . 10.97 -10.95 -24.61
C6 X6X H . 10.33 -9.65 -24.27
O6 X6X H . 10.08 -8.94 -25.47
O4 X6X I . 11.29 10.88 -19.33
C4 X6X I . 12.38 10.65 -20.19
C3 X6X I . 13.16 11.94 -20.36
O3 X6X I . 13.63 12.32 -19.16
C2 X6X I . 12.19 13.00 -20.97
N2 X6X I . 12.68 14.33 -21.05
C1 X6X I . 11.71 12.52 -22.34
O1 X6X I . 12.72 12.37 -23.40
O5 X6X I . 11.14 11.28 -22.17
C5 X6X I . 11.94 10.26 -21.55
C6 X6X I . 11.21 9.01 -21.47
O6 X6X I . 10.76 8.75 -22.77
#